data_8KE4
#
_entry.id   8KE4
#
_cell.length_a   105.198
_cell.length_b   105.198
_cell.length_c   71.694
_cell.angle_alpha   90.000
_cell.angle_beta   90.000
_cell.angle_gamma   120.000
#
_symmetry.space_group_name_H-M   'P 64'
#
loop_
_entity.id
_entity.type
_entity.pdbx_description
1 polymer 'Pyrrolysine--tRNA ligase'
2 non-polymer 'PHOSPHOAMINOPHOSPHONIC ACID-ADENYLATE ESTER'
3 non-polymer 'MAGNESIUM ION'
4 non-polymer '(2R)-2-azanyl-3-(3-bromophenyl)propanoic acid'
5 water water
#
_entity_poly.entity_id   1
_entity_poly.type   'polypeptide(L)'
_entity_poly.pdbx_seq_one_letter_code
;MHHHHHHASAPALTKSQTDRLEVLLNPKDEISLNSGKPFRELESELLSRRKKDLQQIYAEERENYLGKLEREITRFFVDR
GFLEIKSPILIPLEYIERMGIDNDTELSKQIFRVDKNFCLRPMLAPNLYNYLRKLDRALPDPIKIFEIGPCYRKESDGKE
HLEEFTMLGFQQMGSGCTRENLESIITDFLNHLGIDFKIVGDSCMVYGDTLDVMHGDLELSSAGVGPIPLDREWGIDKPW
IGAGFGLERLLKVKHDFKNIKRAARSESYYNGISTNL
;
_entity_poly.pdbx_strand_id   A
#
loop_
_chem_comp.id
_chem_comp.type
_chem_comp.name
_chem_comp.formula
ANP non-polymer 'PHOSPHOAMINOPHOSPHONIC ACID-ADENYLATE ESTER' 'C10 H17 N6 O12 P3'
MG non-polymer 'MAGNESIUM ION' 'Mg 2'
#
# COMPACT_ATOMS: atom_id res chain seq x y z
N PRO A 11 -6.56 -41.75 1.66
CA PRO A 11 -7.69 -40.85 1.46
C PRO A 11 -7.21 -39.48 1.01
N ALA A 12 -7.99 -38.87 0.12
CA ALA A 12 -7.69 -37.51 -0.31
C ALA A 12 -7.86 -36.55 0.86
N LEU A 13 -7.16 -35.42 0.79
CA LEU A 13 -7.31 -34.40 1.81
C LEU A 13 -8.70 -33.79 1.72
N THR A 14 -9.29 -33.46 2.88
CA THR A 14 -10.50 -32.67 2.83
C THR A 14 -10.18 -31.24 2.42
N LYS A 15 -11.21 -30.51 2.01
CA LYS A 15 -11.02 -29.09 1.72
C LYS A 15 -10.55 -28.34 2.94
N SER A 16 -11.11 -28.67 4.12
CA SER A 16 -10.66 -28.03 5.35
C SER A 16 -9.19 -28.32 5.63
N GLN A 17 -8.74 -29.55 5.38
CA GLN A 17 -7.34 -29.89 5.58
C GLN A 17 -6.45 -29.13 4.59
N THR A 18 -6.90 -29.04 3.33
CA THR A 18 -6.16 -28.27 2.34
C THR A 18 -6.07 -26.80 2.74
N ASP A 19 -7.17 -26.23 3.24
CA ASP A 19 -7.15 -24.85 3.73
C ASP A 19 -6.09 -24.68 4.81
N ARG A 20 -6.02 -25.63 5.76
CA ARG A 20 -5.03 -25.55 6.82
C ARG A 20 -3.61 -25.61 6.26
N LEU A 21 -3.36 -26.53 5.32
CA LEU A 21 -2.03 -26.61 4.73
C LEU A 21 -1.69 -25.35 3.94
N GLU A 22 -2.66 -24.76 3.27
CA GLU A 22 -2.41 -23.55 2.50
C GLU A 22 -1.94 -22.42 3.42
N VAL A 23 -2.54 -22.32 4.61
CA VAL A 23 -2.09 -21.31 5.58
C VAL A 23 -0.60 -21.48 5.88
N LEU A 24 -0.13 -22.72 5.97
CA LEU A 24 1.27 -23.00 6.29
C LEU A 24 2.18 -23.01 5.08
N LEU A 25 1.64 -22.94 3.88
CA LEU A 25 2.43 -23.01 2.67
C LEU A 25 3.00 -21.64 2.33
N ASN A 26 4.29 -21.59 2.05
CA ASN A 26 4.85 -20.32 1.63
C ASN A 26 5.16 -20.38 0.14
N PRO A 27 5.23 -19.22 -0.55
CA PRO A 27 5.42 -19.26 -2.01
C PRO A 27 6.67 -19.99 -2.46
N LYS A 28 7.77 -19.93 -1.69
CA LYS A 28 9.01 -20.59 -2.10
C LYS A 28 9.01 -22.10 -1.84
N ASP A 29 8.01 -22.65 -1.15
CA ASP A 29 7.99 -24.07 -0.88
C ASP A 29 7.90 -24.88 -2.18
N GLU A 30 8.55 -26.04 -2.22
CA GLU A 30 8.52 -26.89 -3.40
C GLU A 30 7.66 -28.13 -3.13
N ILE A 31 6.66 -27.96 -2.26
CA ILE A 31 5.81 -29.05 -1.79
C ILE A 31 4.46 -28.96 -2.50
N SER A 32 3.97 -30.10 -2.96
CA SER A 32 2.66 -30.18 -3.59
C SER A 32 1.74 -31.02 -2.71
N LEU A 33 0.62 -30.40 -2.33
CA LEU A 33 -0.43 -30.95 -1.49
C LEU A 33 -1.19 -32.10 -2.15
N ASN A 34 -1.16 -32.13 -3.47
CA ASN A 34 -1.85 -33.13 -4.31
C ASN A 34 -1.41 -34.59 -4.15
N SER A 35 -0.18 -34.78 -3.65
CA SER A 35 0.41 -36.10 -3.45
C SER A 35 -0.29 -36.94 -2.38
N GLY A 36 -0.05 -38.23 -2.43
CA GLY A 36 -0.66 -39.21 -1.55
C GLY A 36 -0.39 -39.15 -0.06
N LYS A 37 0.66 -38.46 0.37
CA LYS A 37 0.99 -38.39 1.79
C LYS A 37 -0.16 -37.82 2.63
N PRO A 38 -0.32 -38.40 3.82
CA PRO A 38 -1.40 -38.02 4.75
C PRO A 38 -1.29 -36.60 5.31
N PHE A 39 -2.45 -36.02 5.61
CA PHE A 39 -2.54 -34.66 6.13
C PHE A 39 -1.58 -34.43 7.29
N ARG A 40 -1.57 -35.35 8.26
CA ARG A 40 -0.77 -35.13 9.46
C ARG A 40 0.71 -35.00 9.16
N GLU A 41 1.21 -35.77 8.19
CA GLU A 41 2.62 -35.68 7.85
C GLU A 41 2.92 -34.40 7.07
N LEU A 42 2.04 -34.03 6.14
CA LEU A 42 2.21 -32.76 5.44
C LEU A 42 2.17 -31.59 6.41
N GLU A 43 1.24 -31.63 7.37
CA GLU A 43 1.13 -30.56 8.35
C GLU A 43 2.37 -30.48 9.22
N SER A 44 2.88 -31.62 9.67
CA SER A 44 4.05 -31.61 10.53
C SER A 44 5.28 -31.09 9.78
N GLU A 45 5.40 -31.44 8.50
CA GLU A 45 6.52 -30.94 7.70
C GLU A 45 6.45 -29.42 7.56
N LEU A 46 5.27 -28.90 7.21
CA LEU A 46 5.13 -27.46 7.02
C LEU A 46 5.28 -26.71 8.34
N LEU A 47 4.76 -27.27 9.44
CA LEU A 47 4.96 -26.63 10.75
C LEU A 47 6.45 -26.50 11.07
N SER A 48 7.22 -27.54 10.81
CA SER A 48 8.66 -27.49 11.09
CA SER A 48 8.66 -27.49 11.09
C SER A 48 9.34 -26.42 10.26
N ARG A 49 8.98 -26.33 8.97
CA ARG A 49 9.57 -25.32 8.09
C ARG A 49 9.26 -23.91 8.57
N ARG A 50 8.00 -23.66 8.94
CA ARG A 50 7.60 -22.31 9.32
C ARG A 50 8.20 -21.90 10.66
N LYS A 51 8.32 -22.85 11.59
CA LYS A 51 9.02 -22.54 12.83
C LYS A 51 10.47 -22.18 12.56
N LYS A 52 11.12 -22.91 11.66
CA LYS A 52 12.51 -22.59 11.33
C LYS A 52 12.61 -21.23 10.63
N ASP A 53 11.63 -20.91 9.77
CA ASP A 53 11.60 -19.59 9.14
C ASP A 53 11.55 -18.48 10.18
N LEU A 54 10.69 -18.63 11.19
CA LEU A 54 10.60 -17.61 12.25
C LEU A 54 11.86 -17.57 13.08
N GLN A 55 12.44 -18.74 13.39
CA GLN A 55 13.69 -18.76 14.14
C GLN A 55 14.80 -18.01 13.39
N GLN A 56 14.85 -18.14 12.06
CA GLN A 56 15.91 -17.48 11.31
C GLN A 56 15.73 -15.96 11.33
N ILE A 57 14.49 -15.49 11.18
CA ILE A 57 14.23 -14.06 11.28
C ILE A 57 14.66 -13.54 12.65
N TYR A 58 14.30 -14.28 13.70
CA TYR A 58 14.57 -13.84 15.05
C TYR A 58 16.06 -13.80 15.32
N ALA A 59 16.80 -14.74 14.73
CA ALA A 59 18.23 -14.83 14.97
C ALA A 59 19.01 -13.76 14.22
N GLU A 60 18.50 -13.31 13.07
CA GLU A 60 19.28 -12.47 12.18
C GLU A 60 18.66 -11.07 12.12
N GLU A 61 17.75 -10.79 11.19
CA GLU A 61 17.44 -9.40 10.87
C GLU A 61 16.41 -8.79 11.82
N ARG A 62 15.39 -9.55 12.20
CA ARG A 62 14.37 -9.15 13.18
C ARG A 62 13.48 -8.00 12.71
N GLU A 63 13.47 -7.65 11.43
CA GLU A 63 12.66 -6.53 10.96
C GLU A 63 11.37 -7.00 10.29
N ASN A 64 10.30 -6.26 10.54
CA ASN A 64 9.01 -6.52 9.95
C ASN A 64 8.96 -6.00 8.52
N TYR A 65 8.39 -6.80 7.61
CA TYR A 65 8.37 -6.43 6.19
C TYR A 65 7.73 -5.07 5.95
N LEU A 66 6.61 -4.79 6.61
CA LEU A 66 5.92 -3.52 6.40
C LEU A 66 6.74 -2.36 6.95
N GLY A 67 7.31 -2.52 8.15
CA GLY A 67 8.17 -1.46 8.68
C GLY A 67 9.40 -1.24 7.82
N LYS A 68 10.03 -2.33 7.38
CA LYS A 68 11.25 -2.22 6.58
C LYS A 68 10.95 -1.58 5.24
N LEU A 69 9.82 -1.92 4.62
CA LEU A 69 9.47 -1.30 3.35
C LEU A 69 9.21 0.20 3.53
N GLU A 70 8.50 0.57 4.59
CA GLU A 70 8.29 2.00 4.85
C GLU A 70 9.62 2.72 4.97
N ARG A 71 10.60 2.11 5.66
CA ARG A 71 11.89 2.79 5.84
C ARG A 71 12.65 2.90 4.54
N GLU A 72 12.59 1.86 3.70
CA GLU A 72 13.24 1.88 2.39
C GLU A 72 12.62 2.95 1.48
N ILE A 73 11.29 3.00 1.43
CA ILE A 73 10.60 4.02 0.62
C ILE A 73 10.95 5.40 1.15
N THR A 74 10.99 5.56 2.48
CA THR A 74 11.33 6.85 3.06
C THR A 74 12.70 7.34 2.61
N ARG A 75 13.68 6.44 2.63
CA ARG A 75 15.02 6.82 2.17
C ARG A 75 15.03 7.22 0.71
N PHE A 76 14.30 6.48 -0.13
CA PHE A 76 14.24 6.80 -1.56
C PHE A 76 13.72 8.21 -1.80
N PHE A 77 12.61 8.57 -1.14
CA PHE A 77 12.02 9.87 -1.42
C PHE A 77 12.77 11.01 -0.73
N VAL A 78 13.26 10.79 0.50
CA VAL A 78 14.08 11.83 1.13
C VAL A 78 15.30 12.12 0.26
N ASP A 79 15.92 11.06 -0.28
CA ASP A 79 17.12 11.26 -1.08
C ASP A 79 16.82 11.98 -2.39
N ARG A 80 15.59 11.88 -2.89
CA ARG A 80 15.17 12.55 -4.11
C ARG A 80 14.64 13.96 -3.86
N GLY A 81 14.73 14.46 -2.63
CA GLY A 81 14.37 15.82 -2.32
C GLY A 81 12.96 16.05 -1.81
N PHE A 82 12.27 14.99 -1.39
CA PHE A 82 10.90 15.09 -0.89
C PHE A 82 10.91 15.18 0.63
N LEU A 83 10.12 16.09 1.17
CA LEU A 83 10.00 16.27 2.61
C LEU A 83 9.08 15.21 3.20
N GLU A 84 9.53 14.57 4.30
CA GLU A 84 8.75 13.52 4.95
C GLU A 84 7.68 14.12 5.84
N ILE A 85 6.41 13.78 5.58
CA ILE A 85 5.26 14.29 6.32
C ILE A 85 4.70 13.17 7.20
N LYS A 86 4.28 13.52 8.42
CA LYS A 86 3.48 12.61 9.27
C LYS A 86 2.25 13.39 9.73
N SER A 87 1.09 13.10 9.14
CA SER A 87 -0.10 13.90 9.38
C SER A 87 -1.17 13.04 10.05
N PRO A 88 -2.27 13.62 10.52
CA PRO A 88 -3.25 12.83 11.27
C PRO A 88 -3.87 11.71 10.45
N ILE A 89 -4.12 10.58 11.12
CA ILE A 89 -4.86 9.47 10.53
C ILE A 89 -6.36 9.65 10.76
N LEU A 90 -6.71 10.14 11.94
CA LEU A 90 -8.08 10.53 12.29
C LEU A 90 -8.29 11.96 11.80
N ILE A 91 -9.12 12.13 10.77
CA ILE A 91 -9.22 13.41 10.06
C ILE A 91 -10.66 13.89 10.14
N PRO A 92 -10.88 15.21 9.98
CA PRO A 92 -12.25 15.73 9.93
C PRO A 92 -13.05 15.12 8.80
N LEU A 93 -14.30 14.81 9.10
CA LEU A 93 -15.18 14.21 8.09
C LEU A 93 -15.38 15.15 6.90
N GLU A 94 -15.33 16.44 7.15
CA GLU A 94 -15.49 17.45 6.13
C GLU A 94 -14.47 17.33 5.01
N TYR A 95 -13.30 16.77 5.30
CA TYR A 95 -12.28 16.58 4.26
C TYR A 95 -12.77 15.63 3.17
N ILE A 96 -13.62 14.66 3.53
CA ILE A 96 -14.14 13.72 2.54
C ILE A 96 -15.00 14.44 1.51
N GLU A 97 -15.99 15.20 1.97
CA GLU A 97 -16.84 15.96 1.04
C GLU A 97 -16.00 16.95 0.24
N ARG A 98 -15.04 17.57 0.89
CA ARG A 98 -14.20 18.56 0.20
C ARG A 98 -13.42 17.93 -0.94
N MET A 99 -13.09 16.66 -0.79
CA MET A 99 -12.39 15.94 -1.85
C MET A 99 -13.29 15.60 -3.03
N GLY A 100 -14.55 16.00 -2.99
CA GLY A 100 -15.48 15.64 -4.03
C GLY A 100 -16.02 14.24 -3.93
N ILE A 101 -15.91 13.63 -2.75
CA ILE A 101 -16.42 12.27 -2.53
C ILE A 101 -17.86 12.43 -2.05
N ASP A 102 -18.79 12.35 -2.99
CA ASP A 102 -20.22 12.43 -2.71
C ASP A 102 -20.85 11.05 -2.86
N ASN A 103 -22.18 11.00 -2.69
CA ASN A 103 -22.89 9.72 -2.63
C ASN A 103 -22.87 8.96 -3.94
N ASP A 104 -22.53 9.62 -5.06
CA ASP A 104 -22.44 8.93 -6.34
C ASP A 104 -21.09 8.23 -6.54
N THR A 105 -20.20 8.28 -5.56
CA THR A 105 -18.92 7.60 -5.63
C THR A 105 -18.95 6.33 -4.77
N GLU A 106 -18.13 5.36 -5.16
CA GLU A 106 -17.97 4.17 -4.33
C GLU A 106 -17.40 4.54 -2.96
N LEU A 107 -16.42 5.45 -2.94
CA LEU A 107 -15.67 5.71 -1.72
C LEU A 107 -16.54 6.29 -0.61
N SER A 108 -17.64 6.98 -0.95
CA SER A 108 -18.50 7.55 0.08
C SER A 108 -19.06 6.49 1.01
N LYS A 109 -19.30 5.29 0.50
CA LYS A 109 -19.83 4.18 1.29
C LYS A 109 -18.75 3.38 2.00
N GLN A 110 -17.48 3.73 1.81
CA GLN A 110 -16.37 2.95 2.36
C GLN A 110 -15.72 3.60 3.58
N ILE A 111 -16.27 4.69 4.09
CA ILE A 111 -15.61 5.47 5.13
C ILE A 111 -15.90 4.89 6.50
N PHE A 112 -14.85 4.71 7.31
CA PHE A 112 -15.00 4.41 8.74
C PHE A 112 -15.21 5.72 9.50
N ARG A 113 -16.45 5.98 9.91
CA ARG A 113 -16.73 7.16 10.68
C ARG A 113 -16.36 6.96 12.16
N VAL A 114 -15.80 8.01 12.76
CA VAL A 114 -15.45 8.00 14.17
C VAL A 114 -16.18 9.18 14.76
N ASP A 115 -16.95 8.92 15.82
CA ASP A 115 -17.77 9.92 16.50
C ASP A 115 -18.75 10.59 15.52
N LYS A 116 -19.00 11.89 15.69
CA LYS A 116 -19.93 12.57 14.80
C LYS A 116 -19.29 13.48 13.75
N ASN A 117 -18.00 13.77 13.88
CA ASN A 117 -17.36 14.69 12.95
C ASN A 117 -15.98 14.23 12.46
N PHE A 118 -15.60 12.99 12.70
CA PHE A 118 -14.28 12.53 12.29
C PHE A 118 -14.41 11.20 11.55
N CYS A 119 -13.32 10.82 10.87
CA CYS A 119 -13.27 9.54 10.20
C CYS A 119 -11.82 9.07 10.14
N LEU A 120 -11.63 7.78 9.90
CA LEU A 120 -10.31 7.28 9.57
C LEU A 120 -10.03 7.62 8.11
N ARG A 121 -8.87 8.22 7.83
CA ARG A 121 -8.60 8.68 6.48
C ARG A 121 -8.58 7.50 5.50
N PRO A 122 -9.29 7.60 4.38
CA PRO A 122 -9.21 6.58 3.34
C PRO A 122 -8.12 6.83 2.31
N MET A 123 -7.45 7.98 2.40
CA MET A 123 -6.47 8.41 1.41
C MET A 123 -5.62 9.49 2.07
N LEU A 124 -4.52 9.85 1.41
CA LEU A 124 -3.63 10.88 1.93
C LEU A 124 -3.85 12.25 1.30
N ALA A 125 -4.60 12.33 0.20
CA ALA A 125 -4.72 13.57 -0.56
C ALA A 125 -5.14 14.80 0.25
N PRO A 126 -6.13 14.76 1.15
CA PRO A 126 -6.49 15.99 1.86
C PRO A 126 -5.33 16.59 2.64
N ASN A 127 -4.63 15.75 3.43
CA ASN A 127 -3.51 16.24 4.23
C ASN A 127 -2.36 16.71 3.34
N LEU A 128 -2.12 16.04 2.22
CA LEU A 128 -1.04 16.49 1.34
C LEU A 128 -1.39 17.83 0.70
N TYR A 129 -2.65 18.02 0.29
CA TYR A 129 -3.08 19.33 -0.22
C TYR A 129 -2.83 20.42 0.80
N ASN A 130 -3.23 20.19 2.05
CA ASN A 130 -3.05 21.18 3.10
C ASN A 130 -1.58 21.50 3.31
N TYR A 131 -0.71 20.48 3.27
CA TYR A 131 0.71 20.74 3.46
C TYR A 131 1.27 21.52 2.27
N LEU A 132 0.84 21.20 1.05
CA LEU A 132 1.33 21.95 -0.11
C LEU A 132 0.97 23.42 0.00
N ARG A 133 -0.28 23.71 0.38
CA ARG A 133 -0.71 25.10 0.50
C ARG A 133 0.09 25.83 1.56
N LYS A 134 0.26 25.22 2.73
CA LYS A 134 0.98 25.89 3.81
C LYS A 134 2.47 26.04 3.50
N LEU A 135 3.10 24.99 2.96
CA LEU A 135 4.53 25.05 2.72
C LEU A 135 4.89 25.99 1.57
N ASP A 136 3.95 26.26 0.67
CA ASP A 136 4.19 27.21 -0.41
C ASP A 136 4.48 28.60 0.12
N ARG A 137 4.12 28.89 1.37
CA ARG A 137 4.47 30.17 1.96
C ARG A 137 5.91 30.23 2.45
N ALA A 138 6.62 29.10 2.50
CA ALA A 138 7.95 29.08 3.11
C ALA A 138 9.03 28.45 2.24
N LEU A 139 8.66 27.50 1.37
CA LEU A 139 9.70 26.73 0.71
C LEU A 139 9.88 27.16 -0.74
N PRO A 140 11.09 26.99 -1.28
CA PRO A 140 11.32 27.34 -2.68
C PRO A 140 10.67 26.36 -3.65
N ASP A 141 10.35 26.88 -4.82
CA ASP A 141 9.74 26.09 -5.88
C ASP A 141 10.79 25.16 -6.50
N PRO A 142 10.45 23.87 -6.75
CA PRO A 142 9.17 23.20 -6.49
C PRO A 142 9.10 22.59 -5.09
N ILE A 143 7.87 22.40 -4.62
CA ILE A 143 7.61 21.82 -3.31
C ILE A 143 7.41 20.32 -3.53
N LYS A 144 8.17 19.52 -2.80
CA LYS A 144 8.10 18.06 -2.96
C LYS A 144 7.88 17.45 -1.59
N ILE A 145 6.78 16.69 -1.43
CA ILE A 145 6.45 16.11 -0.13
C ILE A 145 5.98 14.67 -0.33
N PHE A 146 6.08 13.89 0.75
CA PHE A 146 5.50 12.55 0.71
C PHE A 146 5.10 12.13 2.13
N GLU A 147 4.19 11.15 2.19
CA GLU A 147 3.76 10.58 3.46
C GLU A 147 3.53 9.09 3.26
N ILE A 148 3.84 8.31 4.30
CA ILE A 148 3.53 6.89 4.36
C ILE A 148 2.79 6.64 5.66
N GLY A 149 1.65 5.96 5.58
CA GLY A 149 0.98 5.61 6.81
C GLY A 149 -0.37 4.96 6.61
N PRO A 150 -1.01 4.60 7.72
CA PRO A 150 -2.23 3.80 7.65
C PRO A 150 -3.36 4.58 6.98
N CYS A 151 -4.17 3.85 6.20
CA CYS A 151 -5.42 4.32 5.58
C CYS A 151 -6.46 3.22 5.74
N TYR A 152 -7.73 3.61 5.69
CA TYR A 152 -8.83 2.70 6.05
C TYR A 152 -9.99 2.80 5.08
N ARG A 153 -10.49 1.66 4.62
CA ARG A 153 -11.64 1.60 3.74
C ARG A 153 -12.44 0.34 4.04
N LYS A 154 -13.77 0.47 4.09
CA LYS A 154 -14.60 -0.72 4.12
C LYS A 154 -14.56 -1.38 2.75
N GLU A 155 -14.29 -2.70 2.73
CA GLU A 155 -14.13 -3.42 1.48
C GLU A 155 -14.83 -4.77 1.57
N SER A 156 -15.29 -5.25 0.43
CA SER A 156 -15.72 -6.65 0.35
C SER A 156 -14.51 -7.57 0.49
N ASP A 157 -14.78 -8.82 0.89
CA ASP A 157 -13.72 -9.81 0.97
C ASP A 157 -13.07 -9.98 -0.39
N GLY A 158 -11.75 -10.03 -0.40
CA GLY A 158 -11.02 -10.13 -1.65
C GLY A 158 -9.53 -10.27 -1.43
N LYS A 159 -8.85 -10.99 -2.31
CA LYS A 159 -7.45 -11.28 -2.10
C LYS A 159 -6.55 -10.08 -2.34
N GLU A 160 -7.09 -8.96 -2.83
CA GLU A 160 -6.29 -7.78 -3.13
C GLU A 160 -6.61 -6.58 -2.26
N HIS A 161 -7.56 -6.69 -1.32
CA HIS A 161 -8.00 -5.54 -0.53
C HIS A 161 -7.89 -5.84 0.95
N LEU A 162 -7.45 -4.82 1.71
CA LEU A 162 -7.50 -4.83 3.17
C LEU A 162 -8.38 -3.68 3.64
N GLU A 163 -9.00 -3.86 4.81
CA GLU A 163 -9.71 -2.70 5.35
C GLU A 163 -8.75 -1.74 6.04
N GLU A 164 -7.64 -2.25 6.56
CA GLU A 164 -6.59 -1.47 7.19
C GLU A 164 -5.33 -1.67 6.34
N PHE A 165 -4.90 -0.63 5.64
CA PHE A 165 -3.74 -0.78 4.77
C PHE A 165 -2.82 0.42 4.95
N THR A 166 -1.75 0.45 4.18
CA THR A 166 -0.72 1.47 4.32
C THR A 166 -0.47 2.07 2.96
N MET A 167 -0.53 3.39 2.89
CA MET A 167 -0.35 4.04 1.63
C MET A 167 0.80 5.03 1.59
N LEU A 168 1.52 4.99 0.47
CA LEU A 168 2.53 6.00 0.16
C LEU A 168 1.86 7.03 -0.72
N GLY A 169 1.98 8.30 -0.36
CA GLY A 169 1.51 9.32 -1.27
C GLY A 169 2.62 10.33 -1.47
N PHE A 170 2.90 10.72 -2.71
CA PHE A 170 3.86 11.80 -2.90
C PHE A 170 3.26 12.83 -3.84
N GLN A 171 3.70 14.08 -3.68
CA GLN A 171 3.17 15.15 -4.51
C GLN A 171 4.26 16.21 -4.69
N GLN A 172 4.39 16.70 -5.91
CA GLN A 172 5.26 17.82 -6.24
C GLN A 172 4.39 18.94 -6.80
N MET A 173 4.71 20.18 -6.43
CA MET A 173 3.91 21.33 -6.87
C MET A 173 4.82 22.46 -7.34
N GLY A 174 4.49 23.03 -8.50
CA GLY A 174 5.25 24.13 -9.04
C GLY A 174 5.91 23.77 -10.35
N SER A 175 7.20 24.07 -10.48
CA SER A 175 7.90 23.79 -11.73
C SER A 175 8.17 22.29 -11.86
N GLY A 176 8.35 21.86 -13.11
CA GLY A 176 8.72 20.49 -13.38
C GLY A 176 7.61 19.47 -13.26
N CYS A 177 6.35 19.91 -13.22
CA CYS A 177 5.23 19.00 -12.96
C CYS A 177 4.64 18.50 -14.28
N THR A 178 5.44 17.69 -14.97
CA THR A 178 5.05 17.11 -16.24
C THR A 178 4.74 15.63 -16.07
N ARG A 179 3.94 15.12 -17.00
CA ARG A 179 3.68 13.68 -17.02
C ARG A 179 4.97 12.90 -17.16
N GLU A 180 5.91 13.40 -17.99
CA GLU A 180 7.19 12.72 -18.16
C GLU A 180 7.94 12.60 -16.84
N ASN A 181 7.96 13.69 -16.07
CA ASN A 181 8.67 13.66 -14.79
C ASN A 181 7.96 12.73 -13.81
N LEU A 182 6.62 12.69 -13.86
CA LEU A 182 5.87 11.78 -13.00
C LEU A 182 6.17 10.33 -13.34
N GLU A 183 6.16 9.99 -14.64
CA GLU A 183 6.47 8.62 -15.02
C GLU A 183 7.91 8.26 -14.66
N SER A 184 8.83 9.22 -14.69
CA SER A 184 10.22 8.94 -14.34
C SER A 184 10.35 8.61 -12.85
N ILE A 185 9.64 9.34 -11.97
CA ILE A 185 9.68 9.03 -10.55
C ILE A 185 9.14 7.63 -10.31
N ILE A 186 7.98 7.33 -10.89
CA ILE A 186 7.37 6.01 -10.71
C ILE A 186 8.29 4.91 -11.20
N THR A 187 8.90 5.12 -12.36
CA THR A 187 9.75 4.08 -12.96
C THR A 187 11.01 3.86 -12.13
N ASP A 188 11.68 4.94 -11.72
CA ASP A 188 12.86 4.79 -10.87
C ASP A 188 12.50 4.11 -9.57
N PHE A 189 11.35 4.48 -8.99
CA PHE A 189 10.92 3.94 -7.70
C PHE A 189 10.69 2.44 -7.79
N LEU A 190 9.94 1.98 -8.80
CA LEU A 190 9.61 0.56 -8.85
C LEU A 190 10.80 -0.27 -9.32
N ASN A 191 11.66 0.30 -10.16
CA ASN A 191 12.89 -0.43 -10.50
C ASN A 191 13.83 -0.52 -9.32
N HIS A 192 13.83 0.49 -8.45
CA HIS A 192 14.60 0.43 -7.20
C HIS A 192 14.10 -0.71 -6.32
N LEU A 193 12.77 -0.84 -6.19
CA LEU A 193 12.20 -1.89 -5.35
C LEU A 193 12.25 -3.26 -6.00
N GLY A 194 12.43 -3.33 -7.32
CA GLY A 194 12.39 -4.61 -8.00
C GLY A 194 10.99 -5.14 -8.25
N ILE A 195 10.07 -4.29 -8.67
CA ILE A 195 8.67 -4.67 -8.86
C ILE A 195 8.28 -4.38 -10.30
N ASP A 196 7.82 -5.40 -11.00
CA ASP A 196 7.42 -5.24 -12.40
C ASP A 196 6.13 -4.44 -12.51
N PHE A 197 6.02 -3.65 -13.57
CA PHE A 197 4.85 -2.79 -13.69
C PHE A 197 4.64 -2.37 -15.14
N LYS A 198 3.45 -1.86 -15.39
CA LYS A 198 3.12 -1.15 -16.62
C LYS A 198 2.33 0.09 -16.26
N ILE A 199 2.67 1.21 -16.89
CA ILE A 199 1.91 2.45 -16.73
C ILE A 199 0.85 2.49 -17.82
N VAL A 200 -0.41 2.67 -17.42
CA VAL A 200 -1.53 2.72 -18.35
C VAL A 200 -2.27 4.05 -18.19
N GLY A 201 -2.52 4.70 -19.32
CA GLY A 201 -3.26 5.95 -19.30
C GLY A 201 -3.44 6.43 -20.72
N ASP A 202 -4.37 7.36 -20.92
CA ASP A 202 -4.64 7.91 -22.23
C ASP A 202 -3.58 8.93 -22.61
N GLY A 208 -7.15 17.46 -16.08
CA GLY A 208 -5.85 16.92 -15.71
C GLY A 208 -5.72 15.45 -16.07
N ASP A 209 -4.52 15.06 -16.48
CA ASP A 209 -4.23 13.69 -16.87
C ASP A 209 -4.18 12.71 -15.68
N THR A 210 -4.61 11.48 -15.93
CA THR A 210 -4.56 10.43 -14.91
C THR A 210 -3.95 9.17 -15.51
N LEU A 211 -3.29 8.39 -14.66
CA LEU A 211 -2.66 7.16 -15.10
C LEU A 211 -2.67 6.18 -13.95
N ASP A 212 -2.68 4.89 -14.29
CA ASP A 212 -2.63 3.84 -13.29
C ASP A 212 -1.36 3.02 -13.51
N VAL A 213 -0.80 2.54 -12.42
CA VAL A 213 0.40 1.70 -12.45
C VAL A 213 -0.07 0.29 -12.12
N MET A 214 0.06 -0.62 -13.08
CA MET A 214 -0.53 -1.95 -12.97
C MET A 214 0.55 -3.02 -12.85
N HIS A 215 0.26 -4.05 -12.06
CA HIS A 215 1.01 -5.30 -12.10
C HIS A 215 0.00 -6.35 -12.57
N GLY A 216 0.01 -6.65 -13.87
CA GLY A 216 -1.07 -7.46 -14.41
C GLY A 216 -2.40 -6.77 -14.21
N ASP A 217 -3.34 -7.45 -13.59
CA ASP A 217 -4.65 -6.87 -13.31
C ASP A 217 -4.69 -6.15 -11.96
N LEU A 218 -3.59 -6.15 -11.21
CA LEU A 218 -3.54 -5.53 -9.89
C LEU A 218 -3.09 -4.08 -9.99
N GLU A 219 -3.89 -3.17 -9.45
CA GLU A 219 -3.51 -1.76 -9.43
C GLU A 219 -2.54 -1.50 -8.28
N LEU A 220 -1.30 -1.11 -8.62
CA LEU A 220 -0.34 -0.70 -7.60
C LEU A 220 -0.52 0.75 -7.21
N SER A 221 -0.93 1.60 -8.15
CA SER A 221 -0.99 3.03 -7.89
C SER A 221 -1.98 3.68 -8.85
N SER A 222 -2.59 4.75 -8.38
CA SER A 222 -3.18 5.74 -9.29
C SER A 222 -2.42 7.04 -9.14
N ALA A 223 -2.11 7.68 -10.26
CA ALA A 223 -1.30 8.90 -10.27
C ALA A 223 -2.05 9.99 -11.02
N GLY A 224 -1.64 11.23 -10.82
CA GLY A 224 -2.34 12.35 -11.44
C GLY A 224 -1.43 13.51 -11.76
N VAL A 225 -1.88 14.33 -12.72
CA VAL A 225 -1.21 15.57 -13.10
C VAL A 225 -2.22 16.71 -12.96
N GLY A 226 -1.81 17.73 -12.22
CA GLY A 226 -2.61 18.92 -12.00
C GLY A 226 -2.16 20.02 -12.93
N PRO A 227 -3.00 21.02 -13.12
CA PRO A 227 -4.04 21.33 -12.14
C PRO A 227 -5.39 20.78 -12.52
N ILE A 228 -6.23 20.57 -11.52
CA ILE A 228 -7.60 20.09 -11.74
C ILE A 228 -8.54 21.04 -11.00
N PRO A 229 -9.82 21.07 -11.38
CA PRO A 229 -10.75 22.00 -10.71
C PRO A 229 -10.81 21.83 -9.20
N LEU A 230 -10.60 20.61 -8.68
CA LEU A 230 -10.69 20.39 -7.24
C LEU A 230 -9.67 21.22 -6.46
N ASP A 231 -8.54 21.56 -7.09
CA ASP A 231 -7.47 22.26 -6.39
C ASP A 231 -7.95 23.53 -5.71
N ARG A 232 -8.91 24.22 -6.34
CA ARG A 232 -9.37 25.50 -5.83
C ARG A 232 -9.94 25.39 -4.42
N GLU A 233 -10.68 24.30 -4.14
CA GLU A 233 -11.26 24.11 -2.83
C GLU A 233 -10.21 23.97 -1.74
N TRP A 234 -8.99 23.57 -2.11
CA TRP A 234 -7.91 23.39 -1.16
C TRP A 234 -6.91 24.54 -1.17
N GLY A 235 -7.23 25.62 -1.87
CA GLY A 235 -6.32 26.75 -1.89
C GLY A 235 -5.08 26.54 -2.73
N ILE A 236 -5.14 25.63 -3.70
CA ILE A 236 -4.02 25.29 -4.57
C ILE A 236 -4.27 25.92 -5.94
N ASP A 237 -3.25 26.59 -6.48
CA ASP A 237 -3.39 27.20 -7.80
C ASP A 237 -2.14 27.05 -8.66
N LYS A 238 -1.38 25.97 -8.47
CA LYS A 238 -0.16 25.70 -9.21
C LYS A 238 -0.26 24.31 -9.80
N PRO A 239 0.51 24.02 -10.84
CA PRO A 239 0.54 22.65 -11.36
C PRO A 239 1.13 21.71 -10.32
N TRP A 240 0.83 20.43 -10.49
CA TRP A 240 1.34 19.43 -9.57
C TRP A 240 1.33 18.07 -10.25
N ILE A 241 2.11 17.14 -9.67
CA ILE A 241 2.07 15.73 -10.04
C ILE A 241 2.11 14.93 -8.75
N GLY A 242 1.51 13.76 -8.76
CA GLY A 242 1.58 12.94 -7.56
C GLY A 242 1.01 11.56 -7.78
N ALA A 243 1.15 10.71 -6.76
CA ALA A 243 0.69 9.34 -6.91
C ALA A 243 0.48 8.76 -5.52
N GLY A 244 -0.35 7.71 -5.47
CA GLY A 244 -0.58 6.95 -4.25
C GLY A 244 -0.37 5.47 -4.50
N PHE A 245 0.38 4.80 -3.62
CA PHE A 245 0.74 3.40 -3.74
C PHE A 245 0.36 2.65 -2.46
N GLY A 246 -0.21 1.45 -2.61
CA GLY A 246 -0.42 0.62 -1.43
C GLY A 246 0.78 -0.25 -1.08
N LEU A 247 1.32 -0.13 0.14
CA LEU A 247 2.53 -0.88 0.48
C LEU A 247 2.26 -2.38 0.53
N GLU A 248 1.10 -2.79 1.07
CA GLU A 248 0.82 -4.21 1.14
C GLU A 248 0.70 -4.81 -0.26
N ARG A 249 0.20 -4.04 -1.23
CA ARG A 249 0.18 -4.57 -2.60
C ARG A 249 1.60 -4.72 -3.15
N LEU A 250 2.50 -3.77 -2.85
CA LEU A 250 3.89 -3.94 -3.26
C LEU A 250 4.50 -5.20 -2.65
N LEU A 251 4.24 -5.42 -1.36
CA LEU A 251 4.76 -6.62 -0.71
C LEU A 251 4.15 -7.89 -1.31
N LYS A 252 2.86 -7.86 -1.61
CA LYS A 252 2.21 -9.03 -2.19
C LYS A 252 2.88 -9.43 -3.50
N VAL A 253 3.18 -8.44 -4.34
CA VAL A 253 3.83 -8.73 -5.62
C VAL A 253 5.28 -9.17 -5.40
N LYS A 254 6.02 -8.46 -4.54
CA LYS A 254 7.43 -8.74 -4.34
C LYS A 254 7.64 -10.16 -3.82
N HIS A 255 6.79 -10.60 -2.90
CA HIS A 255 6.95 -11.89 -2.23
C HIS A 255 6.06 -12.97 -2.80
N ASP A 256 5.28 -12.65 -3.85
CA ASP A 256 4.42 -13.61 -4.53
C ASP A 256 3.40 -14.23 -3.58
N PHE A 257 2.87 -13.42 -2.67
CA PHE A 257 1.79 -13.89 -1.79
C PHE A 257 0.51 -14.09 -2.60
N LYS A 258 -0.25 -15.15 -2.27
CA LYS A 258 -1.51 -15.37 -2.96
C LYS A 258 -2.63 -14.48 -2.46
N ASN A 259 -2.54 -14.02 -1.21
CA ASN A 259 -3.57 -13.18 -0.62
C ASN A 259 -2.86 -12.04 0.11
N ILE A 260 -3.37 -10.82 -0.07
CA ILE A 260 -2.77 -9.65 0.56
C ILE A 260 -2.79 -9.73 2.09
N LYS A 261 -3.61 -10.61 2.67
CA LYS A 261 -3.58 -10.74 4.13
C LYS A 261 -2.21 -11.18 4.65
N ARG A 262 -1.39 -11.81 3.82
CA ARG A 262 -0.04 -12.19 4.22
C ARG A 262 0.87 -11.00 4.45
N ALA A 263 0.54 -9.84 3.87
CA ALA A 263 1.36 -8.64 3.95
C ALA A 263 0.86 -7.62 4.97
N ALA A 264 -0.33 -7.84 5.54
CA ALA A 264 -1.00 -6.84 6.33
C ALA A 264 -0.42 -6.74 7.75
N ARG A 265 -0.66 -5.59 8.38
CA ARG A 265 -0.68 -5.55 9.85
C ARG A 265 -1.56 -6.66 10.35
N SER A 266 -1.04 -7.51 11.21
CA SER A 266 -1.78 -8.74 11.40
C SER A 266 -1.34 -9.40 12.69
N GLU A 267 -2.26 -10.16 13.29
CA GLU A 267 -1.87 -11.09 14.32
C GLU A 267 -1.71 -12.51 13.78
N SER A 268 -2.05 -12.74 12.51
CA SER A 268 -2.11 -14.06 11.90
C SER A 268 -0.90 -14.41 11.06
N TYR A 269 -0.12 -13.40 10.63
CA TYR A 269 1.05 -13.62 9.80
C TYR A 269 2.15 -12.67 10.24
N TYR A 270 3.38 -13.17 10.22
CA TYR A 270 4.56 -12.35 10.45
C TYR A 270 5.47 -12.51 9.24
N ASN A 271 5.69 -11.42 8.50
CA ASN A 271 6.49 -11.50 7.27
C ASN A 271 6.00 -12.64 6.39
N GLY A 272 4.68 -12.78 6.29
CA GLY A 272 4.06 -13.79 5.44
C GLY A 272 4.10 -15.20 6.01
N ILE A 273 4.54 -15.38 7.24
CA ILE A 273 4.61 -16.69 7.88
C ILE A 273 3.46 -16.80 8.87
N SER A 274 2.69 -17.89 8.78
CA SER A 274 1.60 -18.07 9.73
C SER A 274 2.13 -18.05 11.16
N THR A 275 1.44 -17.31 12.02
CA THR A 275 1.73 -17.30 13.45
C THR A 275 0.95 -18.36 14.21
N ASN A 276 0.16 -19.17 13.52
CA ASN A 276 -0.68 -20.18 14.17
C ASN A 276 -0.03 -21.54 13.98
N LEU A 277 0.95 -21.81 14.83
CA LEU A 277 1.80 -23.00 14.67
C LEU A 277 1.62 -23.98 15.83
PG ANP B . -8.99 -0.76 -6.40
O1G ANP B . -8.00 -1.90 -6.38
O2G ANP B . -9.89 -0.70 -5.20
O3G ANP B . -9.70 -0.61 -7.71
PB ANP B . -8.63 2.21 -5.82
O1B ANP B . -8.79 3.07 -7.04
O2B ANP B . -9.82 1.98 -4.94
N3B ANP B . -7.98 0.65 -6.29
PA ANP B . -6.97 4.36 -4.96
O1A ANP B . -8.03 5.24 -4.38
O2A ANP B . -6.41 4.66 -6.32
O3A ANP B . -7.48 2.83 -4.90
O5' ANP B . -5.76 4.23 -3.91
C5' ANP B . -4.41 4.32 -4.32
C4' ANP B . -3.69 3.01 -4.05
O4' ANP B . -3.88 2.55 -2.70
C3' ANP B . -4.17 1.87 -4.93
O3' ANP B . -3.52 1.85 -6.20
C2' ANP B . -3.86 0.64 -4.11
O2' ANP B . -2.52 0.20 -4.32
C1' ANP B . -3.92 1.13 -2.67
N9 ANP B . -5.18 0.67 -2.05
C8 ANP B . -6.39 1.24 -2.21
N7 ANP B . -7.34 0.58 -1.52
C5 ANP B . -6.75 -0.45 -0.91
C6 ANP B . -7.18 -1.56 -0.02
N6 ANP B . -8.47 -1.67 0.36
N1 ANP B . -6.25 -2.43 0.40
C2 ANP B . -4.96 -2.32 0.03
N3 ANP B . -4.49 -1.34 -0.77
C4 ANP B . -5.33 -0.40 -1.27
MG MG C . -7.21 3.90 -8.35
MG MG D . -11.05 0.69 -4.26
CD1 FXF E . -2.29 10.78 -5.10
C FXF E . -4.14 8.45 -3.58
CA FXF E . -3.40 9.18 -2.42
CB FXF E . -2.04 9.84 -2.75
CG FXF E . -1.88 10.96 -3.80
CD2 FXF E . -1.26 12.15 -3.46
CE2 FXF E . -1.10 13.14 -4.40
CZ FXF E . -1.54 12.97 -5.69
CE1 FXF E . -2.14 11.78 -6.04
N FXF E . -4.32 10.07 -1.74
O FXF E . -5.29 7.98 -3.35
OXT FXF E . -3.64 8.29 -4.72
BR1 FXF E . -2.77 11.46 -7.84
#